data_7ZWQ
#
_entry.id   7ZWQ
#
_cell.length_a   67.160
_cell.length_b   67.160
_cell.length_c   165.130
_cell.angle_alpha   90.000
_cell.angle_beta   90.000
_cell.angle_gamma   120.000
#
_symmetry.space_group_name_H-M   'P 61 2 2'
#
loop_
_entity.id
_entity.type
_entity.pdbx_description
1 polymer 'B-cell lymphoma 6 protein'
2 non-polymer ~{N}-[(2-fluorophenyl)methyl]-5-methyl-[1,2,4]triazolo[1,5-a]pyrimidin-7-amine
3 non-polymer 1,2-ETHANEDIOL
4 non-polymer 'DIMETHYL SULFOXIDE'
5 water water
#
_entity_poly.entity_id   1
_entity_poly.type   'polypeptide(L)'
_entity_poly.pdbx_seq_one_letter_code
;GPGLDYKDDDDKENLYFQGADSCIQFTRHASDVLLNLNRLRSRDILTDVVIVVSREQFRAHKTVLMACSGLFYSIFTDQL
KCNLSVINLDPEINPEGFCILLDFMYTSRLNLREGNIMAVMATAMYLQMEHVVDTCRKFIKASE
;
_entity_poly.pdbx_strand_id   A
#
# COMPACT_ATOMS: atom_id res chain seq x y z
N ASN A 14 26.21 -6.57 -13.38
CA ASN A 14 25.37 -7.74 -13.18
C ASN A 14 24.06 -7.45 -12.50
N LEU A 15 23.07 -8.33 -12.73
CA LEU A 15 21.76 -8.26 -12.11
C LEU A 15 21.80 -9.03 -10.78
N TYR A 16 22.99 -9.51 -10.36
CA TYR A 16 23.05 -10.30 -9.14
C TYR A 16 24.35 -10.10 -8.37
N PHE A 17 24.35 -10.54 -7.12
CA PHE A 17 25.49 -10.43 -6.23
C PHE A 17 25.53 -11.56 -5.21
N GLN A 18 26.67 -11.72 -4.53
N GLN A 18 26.66 -11.67 -4.51
CA GLN A 18 26.81 -12.73 -3.48
CA GLN A 18 26.80 -12.63 -3.44
C GLN A 18 26.23 -12.12 -2.19
C GLN A 18 26.15 -12.02 -2.22
N GLY A 19 25.09 -12.64 -1.74
CA GLY A 19 24.43 -12.14 -0.56
C GLY A 19 25.27 -12.45 0.65
N ALA A 20 24.86 -11.96 1.80
CA ALA A 20 25.56 -12.24 3.05
C ALA A 20 25.58 -13.75 3.36
N ASP A 21 24.49 -14.44 3.04
CA ASP A 21 24.32 -15.89 3.17
C ASP A 21 24.91 -16.60 1.93
N SER A 22 24.74 -17.91 1.83
CA SER A 22 25.32 -18.61 0.69
C SER A 22 24.80 -18.17 -0.70
N CYS A 23 23.50 -17.90 -0.77
CA CYS A 23 22.84 -17.58 -2.02
C CYS A 23 23.24 -16.36 -2.83
N ILE A 24 23.11 -16.47 -4.14
CA ILE A 24 23.27 -15.30 -4.98
C ILE A 24 21.92 -14.58 -4.83
N GLN A 25 21.94 -13.26 -4.93
N GLN A 25 21.95 -13.25 -4.91
CA GLN A 25 20.73 -12.47 -4.79
CA GLN A 25 20.76 -12.41 -4.75
C GLN A 25 20.56 -11.59 -6.01
C GLN A 25 20.56 -11.52 -5.96
N PHE A 26 19.33 -11.44 -6.48
CA PHE A 26 19.03 -10.62 -7.65
C PHE A 26 18.59 -9.25 -7.21
N THR A 27 19.40 -8.26 -7.56
CA THR A 27 19.20 -6.87 -7.16
C THR A 27 17.81 -6.31 -7.44
N ARG A 28 17.31 -6.55 -8.64
CA ARG A 28 16.04 -5.90 -9.07
C ARG A 28 14.83 -6.79 -8.91
N HIS A 29 15.00 -8.02 -8.36
CA HIS A 29 13.91 -8.98 -8.29
C HIS A 29 12.68 -8.43 -7.55
N ALA A 30 12.87 -7.92 -6.31
CA ALA A 30 11.73 -7.43 -5.53
C ALA A 30 11.00 -6.29 -6.23
N SER A 31 11.75 -5.34 -6.78
CA SER A 31 11.11 -4.22 -7.49
C SER A 31 10.43 -4.70 -8.78
N ASP A 32 11.01 -5.70 -9.48
CA ASP A 32 10.39 -6.25 -10.71
C ASP A 32 9.09 -6.97 -10.34
N VAL A 33 9.09 -7.72 -9.23
CA VAL A 33 7.86 -8.41 -8.79
C VAL A 33 6.78 -7.35 -8.54
N LEU A 34 7.13 -6.30 -7.78
CA LEU A 34 6.15 -5.26 -7.45
C LEU A 34 5.61 -4.56 -8.71
N LEU A 35 6.51 -4.29 -9.67
CA LEU A 35 6.11 -3.68 -10.94
C LEU A 35 5.10 -4.60 -11.63
N ASN A 36 5.37 -5.92 -11.64
CA ASN A 36 4.46 -6.87 -12.28
C ASN A 36 3.14 -6.98 -11.53
N LEU A 37 3.17 -6.86 -10.19
CA LEU A 37 1.91 -6.90 -9.43
C LEU A 37 1.08 -5.65 -9.77
N ASN A 38 1.76 -4.52 -9.99
CA ASN A 38 1.04 -3.31 -10.34
C ASN A 38 0.46 -3.43 -11.75
N ARG A 39 1.18 -4.13 -12.65
CA ARG A 39 0.69 -4.37 -14.01
C ARG A 39 -0.55 -5.23 -13.93
N LEU A 40 -0.56 -6.28 -13.07
CA LEU A 40 -1.78 -7.09 -12.88
C LEU A 40 -2.93 -6.21 -12.39
N ARG A 41 -2.64 -5.34 -11.41
CA ARG A 41 -3.67 -4.44 -10.90
C ARG A 41 -4.25 -3.55 -12.02
N SER A 42 -3.38 -2.93 -12.83
N SER A 42 -3.39 -2.91 -12.82
N SER A 42 -3.38 -2.93 -12.83
CA SER A 42 -3.77 -2.06 -13.95
CA SER A 42 -3.84 -2.04 -13.90
CA SER A 42 -3.75 -2.04 -13.95
C SER A 42 -4.71 -2.77 -14.93
C SER A 42 -4.75 -2.77 -14.89
C SER A 42 -4.61 -2.74 -15.02
N ARG A 43 -4.45 -4.07 -15.15
CA ARG A 43 -5.20 -4.90 -16.08
C ARG A 43 -6.35 -5.64 -15.41
N ASP A 44 -6.52 -5.44 -14.09
CA ASP A 44 -7.57 -6.11 -13.32
C ASP A 44 -7.43 -7.64 -13.36
N ILE A 45 -6.17 -8.11 -13.37
CA ILE A 45 -5.89 -9.54 -13.39
C ILE A 45 -5.74 -10.07 -11.97
N LEU A 46 -6.58 -11.06 -11.61
CA LEU A 46 -6.56 -11.77 -10.32
C LEU A 46 -6.79 -10.86 -9.11
N THR A 47 -7.32 -9.65 -9.35
CA THR A 47 -7.74 -8.77 -8.24
C THR A 47 -8.88 -9.51 -7.53
N ASP A 48 -8.87 -9.46 -6.20
CA ASP A 48 -9.80 -10.26 -5.43
C ASP A 48 -10.52 -9.48 -4.36
N VAL A 49 -10.39 -8.16 -4.40
CA VAL A 49 -11.12 -7.33 -3.44
C VAL A 49 -11.38 -5.97 -4.05
N VAL A 50 -12.50 -5.34 -3.65
CA VAL A 50 -12.79 -3.95 -3.98
C VAL A 50 -12.79 -3.22 -2.64
N ILE A 51 -12.02 -2.14 -2.55
CA ILE A 51 -11.99 -1.26 -1.39
C ILE A 51 -12.88 -0.08 -1.72
N VAL A 52 -13.90 0.16 -0.89
CA VAL A 52 -14.82 1.27 -1.15
C VAL A 52 -14.48 2.41 -0.18
N VAL A 53 -14.27 3.62 -0.72
CA VAL A 53 -13.89 4.79 0.06
C VAL A 53 -14.79 5.97 -0.37
N SER A 54 -15.75 6.34 0.47
CA SER A 54 -16.62 7.47 0.17
C SER A 54 -17.24 7.33 -1.22
N ARG A 55 -17.66 6.10 -1.51
CA ARG A 55 -18.29 5.64 -2.75
C ARG A 55 -17.36 5.44 -3.96
N GLU A 56 -16.06 5.69 -3.76
CA GLU A 56 -15.07 5.47 -4.79
C GLU A 56 -14.64 4.03 -4.60
N GLN A 57 -14.39 3.33 -5.69
CA GLN A 57 -14.02 1.92 -5.62
C GLN A 57 -12.61 1.70 -6.12
N PHE A 58 -11.84 0.86 -5.42
CA PHE A 58 -10.45 0.56 -5.82
C PHE A 58 -10.27 -0.95 -5.80
N ARG A 59 -9.92 -1.54 -6.96
CA ARG A 59 -9.71 -2.99 -7.05
C ARG A 59 -8.26 -3.28 -6.70
N ALA A 60 -8.02 -4.33 -5.94
CA ALA A 60 -6.65 -4.65 -5.54
C ALA A 60 -6.51 -6.14 -5.25
N HIS A 61 -5.31 -6.53 -4.79
CA HIS A 61 -5.00 -7.90 -4.41
C HIS A 61 -4.88 -7.89 -2.88
N LYS A 62 -5.66 -8.74 -2.20
CA LYS A 62 -5.62 -8.81 -0.73
C LYS A 62 -4.18 -9.01 -0.24
N THR A 63 -3.40 -9.90 -0.89
CA THR A 63 -2.02 -10.15 -0.39
C THR A 63 -1.17 -8.91 -0.38
N VAL A 64 -1.29 -8.05 -1.41
CA VAL A 64 -0.50 -6.82 -1.45
C VAL A 64 -0.95 -5.88 -0.31
N LEU A 65 -2.27 -5.73 -0.15
CA LEU A 65 -2.82 -4.87 0.93
C LEU A 65 -2.31 -5.32 2.33
N MET A 66 -2.35 -6.62 2.60
CA MET A 66 -1.92 -7.22 3.89
C MET A 66 -0.44 -7.03 4.08
N ALA A 67 0.33 -7.08 2.98
CA ALA A 67 1.81 -6.96 3.08
C ALA A 67 2.21 -5.51 3.39
N CYS A 68 1.27 -4.53 3.24
CA CYS A 68 1.61 -3.12 3.41
C CYS A 68 0.93 -2.43 4.57
N SER A 69 -0.18 -2.99 5.07
CA SER A 69 -1.04 -2.28 6.01
C SER A 69 -1.44 -3.18 7.17
N GLY A 70 -1.28 -2.68 8.40
CA GLY A 70 -1.68 -3.43 9.59
C GLY A 70 -3.19 -3.64 9.64
N LEU A 71 -3.99 -2.65 9.14
CA LEU A 71 -5.46 -2.79 9.12
C LEU A 71 -5.85 -3.92 8.15
N PHE A 72 -5.32 -3.90 6.94
CA PHE A 72 -5.64 -4.97 5.98
C PHE A 72 -5.11 -6.33 6.42
N TYR A 73 -3.94 -6.38 7.09
CA TYR A 73 -3.42 -7.62 7.64
C TYR A 73 -4.43 -8.19 8.65
N SER A 74 -4.91 -7.34 9.57
CA SER A 74 -5.90 -7.75 10.56
C SER A 74 -7.21 -8.24 9.91
N ILE A 75 -7.73 -7.51 8.91
CA ILE A 75 -8.98 -7.89 8.24
C ILE A 75 -8.85 -9.23 7.50
N PHE A 76 -7.81 -9.36 6.66
CA PHE A 76 -7.71 -10.55 5.82
C PHE A 76 -7.15 -11.79 6.54
N THR A 77 -6.72 -11.67 7.83
CA THR A 77 -6.31 -12.85 8.63
C THR A 77 -7.49 -13.25 9.55
N ASP A 78 -8.59 -12.48 9.54
CA ASP A 78 -9.78 -12.79 10.30
C ASP A 78 -10.58 -13.87 9.58
N GLN A 79 -10.88 -14.98 10.28
CA GLN A 79 -11.60 -16.12 9.74
C GLN A 79 -12.91 -15.75 9.05
N LEU A 80 -13.63 -14.76 9.59
CA LEU A 80 -14.87 -14.31 8.98
C LEU A 80 -14.64 -13.35 7.81
N LYS A 81 -13.75 -12.36 7.98
CA LYS A 81 -13.57 -11.29 7.00
C LYS A 81 -12.67 -11.63 5.82
N CYS A 82 -11.78 -12.62 5.97
CA CYS A 82 -10.84 -13.01 4.90
C CYS A 82 -11.53 -13.34 3.57
N ASN A 83 -12.82 -13.77 3.59
N ASN A 83 -12.79 -13.75 3.63
CA ASN A 83 -13.58 -14.16 2.40
CA ASN A 83 -13.64 -14.15 2.52
C ASN A 83 -14.55 -13.05 1.86
C ASN A 83 -14.22 -12.99 1.72
N LEU A 84 -14.44 -11.84 2.39
CA LEU A 84 -15.16 -10.67 1.85
C LEU A 84 -14.51 -10.18 0.55
N SER A 85 -15.33 -9.89 -0.47
CA SER A 85 -14.84 -9.42 -1.78
C SER A 85 -14.94 -7.89 -1.81
N VAL A 86 -15.66 -7.31 -0.85
CA VAL A 86 -15.87 -5.88 -0.77
C VAL A 86 -15.59 -5.43 0.65
N ILE A 87 -14.75 -4.40 0.79
CA ILE A 87 -14.38 -3.83 2.10
C ILE A 87 -14.70 -2.36 2.08
N ASN A 88 -15.57 -1.90 2.99
CA ASN A 88 -15.88 -0.48 3.05
C ASN A 88 -15.02 0.16 4.11
N LEU A 89 -14.30 1.23 3.75
CA LEU A 89 -13.50 1.95 4.75
C LEU A 89 -14.37 2.99 5.44
N ASP A 90 -13.87 3.51 6.56
CA ASP A 90 -14.51 4.57 7.33
C ASP A 90 -14.86 5.72 6.36
N PRO A 91 -16.13 6.19 6.32
CA PRO A 91 -16.50 7.28 5.39
C PRO A 91 -15.73 8.59 5.57
N GLU A 92 -15.01 8.75 6.70
N GLU A 92 -15.02 8.77 6.69
CA GLU A 92 -14.18 9.93 6.97
CA GLU A 92 -14.22 9.96 6.94
C GLU A 92 -12.92 9.91 6.10
C GLU A 92 -12.89 9.89 6.18
N ILE A 93 -12.55 8.71 5.60
CA ILE A 93 -11.33 8.55 4.80
C ILE A 93 -11.52 9.20 3.45
N ASN A 94 -10.53 10.03 3.12
CA ASN A 94 -10.44 10.78 1.89
C ASN A 94 -10.02 9.83 0.72
N PRO A 95 -10.83 9.70 -0.36
CA PRO A 95 -10.43 8.79 -1.48
C PRO A 95 -9.10 9.12 -2.11
N GLU A 96 -8.74 10.41 -2.23
CA GLU A 96 -7.45 10.76 -2.84
C GLU A 96 -6.30 10.26 -1.95
N GLY A 97 -6.43 10.47 -0.65
CA GLY A 97 -5.45 9.97 0.32
C GLY A 97 -5.30 8.47 0.20
N PHE A 98 -6.44 7.74 0.08
CA PHE A 98 -6.37 6.29 -0.07
C PHE A 98 -5.70 5.92 -1.40
N CYS A 99 -6.09 6.59 -2.50
CA CYS A 99 -5.50 6.33 -3.83
C CYS A 99 -3.96 6.49 -3.81
N ILE A 100 -3.49 7.57 -3.19
CA ILE A 100 -2.04 7.83 -3.10
C ILE A 100 -1.35 6.68 -2.33
N LEU A 101 -1.95 6.21 -1.22
CA LEU A 101 -1.38 5.10 -0.46
C LEU A 101 -1.47 3.78 -1.20
N LEU A 102 -2.58 3.56 -1.91
CA LEU A 102 -2.68 2.33 -2.73
C LEU A 102 -1.61 2.30 -3.81
N ASP A 103 -1.40 3.43 -4.50
CA ASP A 103 -0.32 3.52 -5.53
C ASP A 103 1.02 3.29 -4.88
N PHE A 104 1.23 3.85 -3.69
CA PHE A 104 2.49 3.64 -2.95
C PHE A 104 2.69 2.14 -2.69
N MET A 105 1.64 1.44 -2.21
CA MET A 105 1.80 0.01 -1.92
C MET A 105 2.34 -0.75 -3.15
N TYR A 106 1.81 -0.40 -4.34
CA TYR A 106 2.18 -1.12 -5.57
C TYR A 106 3.39 -0.57 -6.29
N THR A 107 3.92 0.57 -5.86
CA THR A 107 5.07 1.15 -6.56
C THR A 107 6.33 1.60 -5.82
N SER A 108 6.19 1.80 -4.51
CA SER A 108 7.18 2.33 -3.54
C SER A 108 7.29 3.86 -3.60
N ARG A 109 6.45 4.48 -4.41
CA ARG A 109 6.46 5.91 -4.63
C ARG A 109 5.29 6.54 -3.92
N LEU A 110 5.60 7.54 -3.12
CA LEU A 110 4.55 8.21 -2.35
C LEU A 110 4.43 9.64 -2.86
N ASN A 111 3.28 9.94 -3.48
CA ASN A 111 3.07 11.25 -4.07
C ASN A 111 2.62 12.28 -3.02
N LEU A 112 3.50 12.66 -2.07
CA LEU A 112 3.11 13.64 -1.04
C LEU A 112 3.19 15.04 -1.61
N ARG A 113 2.15 15.85 -1.38
CA ARG A 113 2.11 17.25 -1.81
C ARG A 113 1.54 18.04 -0.65
N GLU A 114 1.80 19.34 -0.61
CA GLU A 114 1.29 20.21 0.47
C GLU A 114 -0.23 20.05 0.63
N GLY A 115 -0.94 19.94 -0.50
CA GLY A 115 -2.40 19.80 -0.53
C GLY A 115 -2.96 18.45 -0.15
N ASN A 116 -2.14 17.39 -0.09
CA ASN A 116 -2.65 16.06 0.25
C ASN A 116 -2.01 15.45 1.51
N ILE A 117 -0.94 16.06 2.06
CA ILE A 117 -0.17 15.46 3.15
C ILE A 117 -1.04 15.12 4.39
N MET A 118 -1.93 16.04 4.81
CA MET A 118 -2.79 15.76 5.97
C MET A 118 -3.69 14.56 5.73
N ALA A 119 -4.31 14.46 4.53
CA ALA A 119 -5.19 13.35 4.17
C ALA A 119 -4.38 12.07 4.10
N VAL A 120 -3.18 12.15 3.52
CA VAL A 120 -2.33 10.96 3.42
C VAL A 120 -1.93 10.47 4.82
N MET A 121 -1.52 11.40 5.70
CA MET A 121 -1.11 11.01 7.05
C MET A 121 -2.28 10.39 7.81
N ALA A 122 -3.47 11.01 7.79
CA ALA A 122 -4.64 10.47 8.51
C ALA A 122 -5.02 9.09 7.96
N THR A 123 -4.96 8.92 6.62
CA THR A 123 -5.27 7.65 5.99
C THR A 123 -4.24 6.60 6.40
N ALA A 124 -2.94 6.96 6.38
CA ALA A 124 -1.88 6.01 6.79
C ALA A 124 -2.03 5.60 8.25
N MET A 125 -2.51 6.51 9.10
CA MET A 125 -2.77 6.19 10.51
C MET A 125 -3.88 5.14 10.62
N TYR A 126 -4.98 5.37 9.91
CA TYR A 126 -6.12 4.46 9.88
C TYR A 126 -5.70 3.09 9.30
N LEU A 127 -4.87 3.09 8.27
CA LEU A 127 -4.43 1.86 7.64
C LEU A 127 -3.27 1.17 8.35
N GLN A 128 -2.78 1.80 9.43
CA GLN A 128 -1.64 1.29 10.18
C GLN A 128 -0.38 1.08 9.34
N MET A 129 0.09 2.16 8.74
CA MET A 129 1.27 2.16 7.93
C MET A 129 2.14 3.20 8.63
N GLU A 130 2.75 2.77 9.72
CA GLU A 130 3.54 3.64 10.60
C GLU A 130 4.70 4.36 9.91
N HIS A 131 5.44 3.68 9.02
N HIS A 131 5.42 3.66 9.03
CA HIS A 131 6.55 4.30 8.29
CA HIS A 131 6.54 4.20 8.24
C HIS A 131 6.08 5.48 7.44
C HIS A 131 6.10 5.42 7.42
N VAL A 132 4.90 5.34 6.81
CA VAL A 132 4.33 6.46 6.02
C VAL A 132 3.90 7.59 6.99
N VAL A 133 3.25 7.23 8.12
CA VAL A 133 2.85 8.22 9.11
C VAL A 133 4.07 9.02 9.58
N ASP A 134 5.15 8.33 9.98
N ASP A 134 5.16 8.32 9.98
CA ASP A 134 6.38 8.97 10.46
CA ASP A 134 6.41 8.92 10.46
C ASP A 134 6.99 9.89 9.41
C ASP A 134 6.98 9.88 9.41
N THR A 135 6.95 9.46 8.14
CA THR A 135 7.42 10.25 7.00
C THR A 135 6.61 11.54 6.86
N CYS A 136 5.27 11.45 6.90
CA CYS A 136 4.39 12.63 6.85
C CYS A 136 4.72 13.58 7.99
N ARG A 137 4.90 13.05 9.22
N ARG A 137 4.89 13.04 9.22
CA ARG A 137 5.24 13.81 10.42
CA ARG A 137 5.23 13.84 10.40
C ARG A 137 6.54 14.61 10.22
C ARG A 137 6.53 14.63 10.19
N LYS A 138 7.57 13.98 9.63
CA LYS A 138 8.86 14.61 9.35
C LYS A 138 8.74 15.74 8.32
N PHE A 139 7.90 15.56 7.26
CA PHE A 139 7.67 16.60 6.24
C PHE A 139 6.89 17.78 6.81
N ILE A 140 5.90 17.50 7.68
CA ILE A 140 5.11 18.56 8.32
C ILE A 140 6.01 19.38 9.24
N LYS A 141 6.85 18.69 10.05
CA LYS A 141 7.79 19.31 10.99
C LYS A 141 8.75 20.28 10.27
N ALA A 142 9.21 19.92 9.05
CA ALA A 142 10.10 20.76 8.24
C ALA A 142 9.47 22.08 7.79
N SER A 143 8.13 22.13 7.66
CA SER A 143 7.37 23.32 7.26
C SER A 143 7.11 24.31 8.41
N GLU A 144 7.05 23.81 9.66
CA GLU A 144 6.81 24.66 10.84
C GLU A 144 8.11 25.21 11.42
#